data_2EEK
#
_entry.id   2EEK
#
_cell.length_a   47.213
_cell.length_b   59.184
_cell.length_c   63.736
_cell.angle_alpha   90.00
_cell.angle_beta   90.00
_cell.angle_gamma   90.00
#
_symmetry.space_group_name_H-M   'P 21 21 21'
#
loop_
_entity.id
_entity.type
_entity.pdbx_description
1 polymer Trypsin-1
2 non-polymer 'CALCIUM ION'
3 non-polymer 'SODIUM ION'
4 non-polymer BENZAMIDINE
5 water water
#
_entity_poly.entity_id   1
_entity_poly.type   'polypeptide(L)'
_entity_poly.pdbx_seq_one_letter_code
;IVGGYECTKHSQAHQVSLNSGYHFCGGSLVSKDWVVSAAHCYKSVLRVRLGEHHIRVNEGTEQYISSSSVIRHPNYSSYN
INNDIMLIKLTKPATLNQYVHAVALPTECAADATMCTVSGWGNTMSSVADGDKLQCLSLPILSHADCANSYPGMITQSMF
CAGYLEGGKDSCQGDSGGPVVCNGVLQGVVSWGYGCAERDHPGVYAKVCVLSGWVRDTMA
;
_entity_poly.pdbx_strand_id   A
#
loop_
_chem_comp.id
_chem_comp.type
_chem_comp.name
_chem_comp.formula
BEN non-polymer BENZAMIDINE 'C7 H8 N2'
CA non-polymer 'CALCIUM ION' 'Ca 2'
NA non-polymer 'SODIUM ION' 'Na 1'
#
# COMPACT_ATOMS: atom_id res chain seq x y z
N ILE A 1 -5.01 5.77 -7.77
CA ILE A 1 -3.85 6.67 -8.06
C ILE A 1 -4.28 7.75 -9.04
N VAL A 2 -4.16 9.01 -8.61
CA VAL A 2 -4.54 10.15 -9.45
C VAL A 2 -3.29 10.84 -10.00
N GLY A 3 -3.30 11.13 -11.31
CA GLY A 3 -2.16 11.79 -11.93
C GLY A 3 -0.92 10.93 -12.10
N GLY A 4 -1.07 9.61 -12.04
CA GLY A 4 0.06 8.73 -12.19
C GLY A 4 0.18 8.22 -13.61
N TYR A 5 0.67 6.99 -13.76
CA TYR A 5 0.83 6.37 -15.06
C TYR A 5 0.62 4.87 -14.91
N GLU A 6 0.10 4.22 -15.95
CA GLU A 6 -0.12 2.78 -15.88
C GLU A 6 1.24 2.12 -15.63
N CYS A 7 1.32 1.31 -14.58
CA CYS A 7 2.59 0.64 -14.28
C CYS A 7 2.92 -0.32 -15.42
N THR A 8 4.19 -0.60 -15.60
CA THR A 8 4.57 -1.59 -16.61
C THR A 8 4.00 -2.86 -16.00
N LYS A 9 3.34 -3.66 -16.83
CA LYS A 9 2.72 -4.88 -16.35
C LYS A 9 3.66 -5.77 -15.52
N HIS A 10 3.23 -6.04 -14.29
CA HIS A 10 3.96 -6.89 -13.36
C HIS A 10 5.29 -6.35 -12.85
N SER A 11 5.51 -5.04 -12.99
CA SER A 11 6.75 -4.43 -12.53
C SER A 11 6.72 -4.28 -11.01
N GLN A 12 5.51 -4.30 -10.45
CA GLN A 12 5.34 -4.20 -9.01
C GLN A 12 4.80 -5.59 -8.64
N ALA A 13 5.64 -6.60 -8.82
CA ALA A 13 5.25 -7.99 -8.58
C ALA A 13 4.80 -8.30 -7.15
N HIS A 14 5.05 -7.39 -6.23
CA HIS A 14 4.66 -7.56 -4.83
C HIS A 14 3.23 -7.07 -4.60
N GLN A 15 2.73 -6.24 -5.50
CA GLN A 15 1.38 -5.69 -5.38
C GLN A 15 0.31 -6.75 -5.50
N VAL A 16 -0.55 -6.81 -4.50
CA VAL A 16 -1.65 -7.76 -4.49
C VAL A 16 -2.96 -7.01 -4.29
N SER A 17 -4.06 -7.63 -4.70
CA SER A 17 -5.38 -7.05 -4.54
C SER A 17 -6.12 -7.87 -3.50
N LEU A 18 -6.66 -7.20 -2.48
CA LEU A 18 -7.43 -7.88 -1.45
C LEU A 18 -8.87 -7.95 -1.98
N ASN A 19 -9.38 -9.16 -2.11
CA ASN A 19 -10.69 -9.37 -2.70
C ASN A 19 -11.69 -10.09 -1.79
N SER A 20 -12.95 -9.65 -1.85
CA SER A 20 -14.02 -10.24 -1.07
C SER A 20 -15.23 -10.26 -2.00
N GLY A 21 -14.97 -10.63 -3.25
CA GLY A 21 -16.02 -10.65 -4.26
C GLY A 21 -15.84 -9.43 -5.14
N TYR A 22 -14.81 -8.66 -4.82
CA TYR A 22 -14.46 -7.44 -5.54
C TYR A 22 -13.20 -6.86 -4.89
N HIS A 23 -12.48 -6.02 -5.63
CA HIS A 23 -11.27 -5.40 -5.09
C HIS A 23 -11.66 -4.35 -4.03
N PHE A 24 -11.05 -4.41 -2.85
CA PHE A 24 -11.37 -3.41 -1.81
C PHE A 24 -10.16 -2.74 -1.15
N CYS A 25 -8.97 -3.28 -1.38
CA CYS A 25 -7.75 -2.72 -0.81
C CYS A 25 -6.54 -3.34 -1.49
N GLY A 26 -5.40 -2.69 -1.34
CA GLY A 26 -4.18 -3.19 -1.92
C GLY A 26 -3.37 -3.87 -0.83
N GLY A 27 -2.23 -4.44 -1.20
CA GLY A 27 -1.39 -5.11 -0.23
C GLY A 27 -0.04 -5.41 -0.86
N SER A 28 0.93 -5.82 -0.04
CA SER A 28 2.27 -6.13 -0.53
C SER A 28 2.78 -7.48 -0.03
N LEU A 29 3.19 -8.34 -0.96
CA LEU A 29 3.71 -9.66 -0.59
C LEU A 29 5.11 -9.45 -0.01
N VAL A 30 5.38 -10.02 1.17
CA VAL A 30 6.69 -9.87 1.78
C VAL A 30 7.44 -11.21 1.93
N SER A 31 6.77 -12.29 1.56
CA SER A 31 7.35 -13.65 1.60
C SER A 31 6.33 -14.54 0.91
N LYS A 32 6.67 -15.80 0.69
CA LYS A 32 5.74 -16.73 0.04
C LYS A 32 4.46 -16.94 0.86
N ASP A 33 4.54 -16.70 2.16
CA ASP A 33 3.39 -16.92 3.05
C ASP A 33 2.72 -15.69 3.64
N TRP A 34 3.33 -14.51 3.49
CA TRP A 34 2.80 -13.30 4.10
C TRP A 34 2.60 -12.06 3.24
N VAL A 35 1.53 -11.33 3.55
CA VAL A 35 1.20 -10.09 2.87
C VAL A 35 1.01 -8.97 3.91
N VAL A 36 1.55 -7.79 3.60
CA VAL A 36 1.41 -6.64 4.46
C VAL A 36 0.41 -5.69 3.84
N SER A 37 -0.51 -5.17 4.66
CA SER A 37 -1.51 -4.24 4.17
C SER A 37 -1.83 -3.25 5.28
N ALA A 38 -2.95 -2.54 5.15
CA ALA A 38 -3.36 -1.58 6.17
C ALA A 38 -4.37 -2.22 7.11
N ALA A 39 -4.28 -1.93 8.40
CA ALA A 39 -5.20 -2.50 9.38
C ALA A 39 -6.63 -2.04 9.15
N HIS A 40 -6.83 -0.83 8.63
CA HIS A 40 -8.19 -0.36 8.40
C HIS A 40 -8.85 -1.13 7.24
N CYS A 41 -8.07 -1.98 6.57
CA CYS A 41 -8.56 -2.80 5.47
C CYS A 41 -8.95 -4.18 6.00
N TYR A 42 -8.88 -4.33 7.32
CA TYR A 42 -9.18 -5.61 7.95
C TYR A 42 -10.54 -6.23 7.68
N LYS A 43 -10.51 -7.54 7.50
CA LYS A 43 -11.67 -8.41 7.31
C LYS A 43 -11.13 -9.76 7.79
N SER A 44 -11.93 -10.52 8.51
CA SER A 44 -11.47 -11.81 9.05
C SER A 44 -10.93 -12.77 7.99
N VAL A 45 -11.58 -12.83 6.84
CA VAL A 45 -11.16 -13.70 5.75
C VAL A 45 -11.00 -12.85 4.49
N LEU A 46 -9.90 -13.06 3.77
CA LEU A 46 -9.63 -12.30 2.54
C LEU A 46 -9.03 -13.15 1.43
N ARG A 47 -9.49 -12.89 0.20
CA ARG A 47 -8.96 -13.60 -0.96
C ARG A 47 -7.86 -12.70 -1.50
N VAL A 48 -6.62 -13.18 -1.44
CA VAL A 48 -5.47 -12.40 -1.91
C VAL A 48 -5.22 -12.73 -3.37
N ARG A 49 -5.21 -11.71 -4.22
CA ARG A 49 -4.97 -11.93 -5.65
C ARG A 49 -3.63 -11.36 -6.07
N LEU A 50 -2.73 -12.27 -6.45
CA LEU A 50 -1.38 -11.92 -6.84
C LEU A 50 -1.19 -12.04 -8.36
N GLY A 51 -0.15 -11.40 -8.86
CA GLY A 51 0.17 -11.44 -10.29
C GLY A 51 -0.82 -10.71 -11.17
N GLU A 52 -1.54 -9.76 -10.58
CA GLU A 52 -2.54 -9.00 -11.31
C GLU A 52 -2.04 -7.72 -11.98
N HIS A 53 -2.68 -7.36 -13.08
CA HIS A 53 -2.40 -6.08 -13.73
C HIS A 53 -3.78 -5.47 -13.93
N HIS A 54 -4.63 -6.16 -14.68
CA HIS A 54 -6.01 -5.71 -14.87
C HIS A 54 -6.82 -6.61 -13.97
N ILE A 55 -7.47 -6.02 -12.97
CA ILE A 55 -8.25 -6.80 -12.01
C ILE A 55 -9.57 -7.37 -12.54
N ARG A 56 -9.94 -7.03 -13.76
CA ARG A 56 -11.18 -7.52 -14.35
C ARG A 56 -10.96 -8.33 -15.63
N VAL A 57 -9.72 -8.72 -15.88
CA VAL A 57 -9.40 -9.52 -17.06
C VAL A 57 -8.52 -10.69 -16.62
N ASN A 58 -8.96 -11.90 -16.95
CA ASN A 58 -8.20 -13.09 -16.62
C ASN A 58 -6.97 -13.12 -17.52
N GLU A 59 -5.82 -12.80 -16.94
CA GLU A 59 -4.57 -12.72 -17.69
C GLU A 59 -3.72 -13.99 -17.71
N GLY A 60 -4.00 -14.92 -16.80
CA GLY A 60 -3.21 -16.15 -16.76
C GLY A 60 -1.95 -16.02 -15.94
N THR A 61 -1.78 -14.86 -15.32
CA THR A 61 -0.60 -14.59 -14.49
C THR A 61 -0.99 -14.51 -13.02
N GLU A 62 -2.28 -14.64 -12.75
CA GLU A 62 -2.78 -14.54 -11.38
C GLU A 62 -2.73 -15.80 -10.53
N GLN A 63 -2.74 -15.58 -9.22
CA GLN A 63 -2.77 -16.64 -8.23
C GLN A 63 -3.77 -16.12 -7.21
N TYR A 64 -4.80 -16.92 -6.94
CA TYR A 64 -5.84 -16.54 -5.99
C TYR A 64 -5.68 -17.43 -4.78
N ILE A 65 -5.26 -16.84 -3.66
CA ILE A 65 -5.05 -17.59 -2.44
C ILE A 65 -5.79 -16.97 -1.27
N SER A 66 -6.63 -17.76 -0.62
CA SER A 66 -7.38 -17.25 0.52
C SER A 66 -6.48 -17.13 1.76
N SER A 67 -6.82 -16.18 2.62
CA SER A 67 -6.07 -15.97 3.84
C SER A 67 -6.40 -17.11 4.79
N SER A 68 -5.55 -17.33 5.77
CA SER A 68 -5.78 -18.35 6.79
C SER A 68 -5.85 -17.57 8.08
N SER A 69 -5.13 -16.46 8.12
CA SER A 69 -5.11 -15.60 9.30
C SER A 69 -4.84 -14.16 8.89
N VAL A 70 -5.57 -13.22 9.51
CA VAL A 70 -5.40 -11.80 9.25
C VAL A 70 -5.12 -11.18 10.62
N ILE A 71 -3.97 -10.52 10.75
CA ILE A 71 -3.58 -9.95 12.03
C ILE A 71 -3.27 -8.46 12.01
N ARG A 72 -4.05 -7.69 12.74
CA ARG A 72 -3.85 -6.25 12.83
C ARG A 72 -2.74 -5.95 13.83
N HIS A 73 -1.98 -4.88 13.61
CA HIS A 73 -0.94 -4.50 14.56
C HIS A 73 -1.63 -4.34 15.92
N PRO A 74 -1.06 -4.90 17.01
CA PRO A 74 -1.67 -4.80 18.34
C PRO A 74 -2.00 -3.39 18.83
N ASN A 75 -1.22 -2.41 18.38
CA ASN A 75 -1.45 -1.03 18.79
C ASN A 75 -2.23 -0.22 17.76
N TYR A 76 -2.90 -0.90 16.83
CA TYR A 76 -3.70 -0.20 15.84
C TYR A 76 -4.84 0.52 16.55
N SER A 77 -5.20 1.70 16.06
CA SER A 77 -6.30 2.45 16.65
C SER A 77 -7.24 2.94 15.55
N SER A 78 -8.48 2.48 15.60
CA SER A 78 -9.47 2.86 14.59
C SER A 78 -9.98 4.29 14.80
N TYR A 79 -9.50 4.96 15.84
CA TYR A 79 -9.91 6.33 16.11
C TYR A 79 -9.07 7.33 15.34
N ASN A 80 -7.75 7.19 15.42
CA ASN A 80 -6.85 8.10 14.72
C ASN A 80 -6.06 7.39 13.62
N ILE A 81 -6.43 6.14 13.34
CA ILE A 81 -5.77 5.34 12.32
C ILE A 81 -4.28 5.23 12.61
N ASN A 82 -3.93 5.06 13.88
CA ASN A 82 -2.54 4.95 14.27
C ASN A 82 -2.06 3.52 14.07
N ASN A 83 -0.79 3.36 13.70
CA ASN A 83 -0.19 2.04 13.47
C ASN A 83 -1.06 1.24 12.51
N ASP A 84 -1.41 1.86 11.40
CA ASP A 84 -2.27 1.25 10.39
C ASP A 84 -1.57 0.22 9.52
N ILE A 85 -1.32 -0.95 10.09
CA ILE A 85 -0.66 -2.02 9.35
C ILE A 85 -1.15 -3.37 9.88
N MET A 86 -1.20 -4.36 8.99
CA MET A 86 -1.63 -5.70 9.37
C MET A 86 -0.95 -6.74 8.48
N LEU A 87 -0.93 -7.97 8.96
CA LEU A 87 -0.33 -9.06 8.22
C LEU A 87 -1.41 -10.06 7.84
N ILE A 88 -1.27 -10.63 6.65
CA ILE A 88 -2.22 -11.64 6.17
C ILE A 88 -1.40 -12.89 5.86
N LYS A 89 -1.71 -13.99 6.52
CA LYS A 89 -0.99 -15.22 6.22
C LYS A 89 -1.81 -15.97 5.18
N LEU A 90 -1.14 -16.43 4.13
CA LEU A 90 -1.81 -17.16 3.05
C LEU A 90 -2.01 -18.62 3.45
N THR A 91 -3.16 -19.19 3.09
CA THR A 91 -3.46 -20.58 3.43
C THR A 91 -2.48 -21.55 2.78
N LYS A 92 -1.94 -21.14 1.64
CA LYS A 92 -0.95 -21.94 0.93
C LYS A 92 0.08 -20.94 0.43
N PRO A 93 1.35 -21.35 0.38
CA PRO A 93 2.37 -20.42 -0.09
C PRO A 93 2.17 -20.01 -1.54
N ALA A 94 2.46 -18.76 -1.85
CA ALA A 94 2.35 -18.27 -3.21
C ALA A 94 3.58 -18.77 -3.96
N THR A 95 3.45 -18.95 -5.26
CA THR A 95 4.60 -19.39 -6.05
C THR A 95 5.24 -18.14 -6.61
N LEU A 96 6.53 -17.97 -6.33
CA LEU A 96 7.24 -16.79 -6.81
C LEU A 96 7.73 -17.05 -8.24
N ASN A 97 7.45 -16.10 -9.12
CA ASN A 97 7.86 -16.21 -10.51
C ASN A 97 7.97 -14.83 -11.14
N GLN A 98 7.92 -14.78 -12.47
CA GLN A 98 8.04 -13.51 -13.20
C GLN A 98 6.96 -12.48 -12.86
N TYR A 99 5.82 -12.94 -12.36
CA TYR A 99 4.71 -12.04 -12.06
C TYR A 99 4.40 -11.85 -10.56
N VAL A 100 5.03 -12.67 -9.72
CA VAL A 100 4.81 -12.60 -8.28
C VAL A 100 6.12 -12.66 -7.52
N HIS A 101 6.40 -11.60 -6.77
CA HIS A 101 7.61 -11.52 -5.95
C HIS A 101 7.40 -10.66 -4.73
N ALA A 102 8.11 -10.99 -3.66
CA ALA A 102 8.01 -10.25 -2.42
C ALA A 102 8.89 -9.01 -2.46
N VAL A 103 8.49 -7.98 -1.72
CA VAL A 103 9.28 -6.76 -1.65
C VAL A 103 9.97 -6.79 -0.28
N ALA A 104 11.18 -6.26 -0.24
CA ALA A 104 11.95 -6.24 1.00
C ALA A 104 11.36 -5.34 2.07
N LEU A 105 11.42 -5.80 3.31
CA LEU A 105 10.93 -5.04 4.45
C LEU A 105 12.09 -4.15 4.88
N PRO A 106 11.79 -2.94 5.37
CA PRO A 106 12.87 -2.04 5.77
C PRO A 106 13.48 -2.31 7.14
N THR A 107 14.76 -2.01 7.27
CA THR A 107 15.46 -2.14 8.54
C THR A 107 16.04 -0.76 8.78
N GLU A 108 15.86 0.12 7.79
CA GLU A 108 16.33 1.50 7.85
C GLU A 108 15.27 2.45 7.29
N CYS A 109 14.94 3.48 8.05
CA CYS A 109 13.96 4.47 7.60
C CYS A 109 14.57 5.27 6.47
N ALA A 110 13.72 5.84 5.62
CA ALA A 110 14.18 6.65 4.49
C ALA A 110 14.13 8.12 4.87
N ALA A 111 15.04 8.91 4.30
CA ALA A 111 15.09 10.34 4.59
C ALA A 111 14.03 11.14 3.82
N ASP A 112 13.72 12.33 4.33
CA ASP A 112 12.74 13.19 3.66
C ASP A 112 13.31 13.52 2.30
N ALA A 113 12.43 13.71 1.32
CA ALA A 113 12.82 14.03 -0.05
C ALA A 113 13.16 12.80 -0.89
N THR A 114 13.22 11.63 -0.27
CA THR A 114 13.51 10.40 -1.00
C THR A 114 12.38 10.15 -2.00
N MET A 115 12.74 9.81 -3.24
CA MET A 115 11.72 9.55 -4.25
C MET A 115 11.32 8.07 -4.21
N CYS A 116 10.01 7.83 -4.16
CA CYS A 116 9.49 6.48 -4.10
C CYS A 116 8.42 6.26 -5.16
N THR A 117 7.76 5.11 -5.08
CA THR A 117 6.69 4.78 -6.00
C THR A 117 5.54 4.21 -5.20
N VAL A 118 4.33 4.65 -5.51
CA VAL A 118 3.14 4.13 -4.83
C VAL A 118 2.28 3.56 -5.95
N SER A 119 1.54 2.49 -5.68
CA SER A 119 0.72 1.91 -6.73
C SER A 119 -0.60 1.35 -6.24
N GLY A 120 -1.55 1.19 -7.16
CA GLY A 120 -2.83 0.65 -6.77
C GLY A 120 -3.89 0.71 -7.85
N TRP A 121 -5.04 0.11 -7.54
CA TRP A 121 -6.18 0.06 -8.43
C TRP A 121 -7.26 1.02 -7.93
N GLY A 122 -6.85 1.99 -7.13
CA GLY A 122 -7.79 2.95 -6.59
C GLY A 122 -8.31 3.95 -7.60
N ASN A 123 -9.14 4.88 -7.13
CA ASN A 123 -9.72 5.90 -8.00
C ASN A 123 -8.65 6.73 -8.70
N THR A 124 -8.92 7.07 -9.95
CA THR A 124 -8.00 7.87 -10.75
C THR A 124 -8.58 9.24 -11.07
N MET A 125 -9.87 9.41 -10.80
CA MET A 125 -10.57 10.67 -11.09
C MET A 125 -10.41 11.06 -12.56
N SER A 126 -10.24 10.06 -13.42
CA SER A 126 -10.04 10.29 -14.85
C SER A 126 -10.50 9.12 -15.72
N SER A 127 -10.86 9.41 -16.96
CA SER A 127 -11.29 8.39 -17.90
C SER A 127 -10.08 8.02 -18.74
N VAL A 128 -9.06 8.88 -18.67
CA VAL A 128 -7.82 8.66 -19.41
C VAL A 128 -7.02 7.53 -18.74
N ALA A 129 -7.04 7.50 -17.42
CA ALA A 129 -6.34 6.49 -16.65
C ALA A 129 -7.37 5.52 -16.06
N ASP A 130 -7.31 4.26 -16.48
CA ASP A 130 -8.25 3.25 -16.00
C ASP A 130 -7.73 2.59 -14.73
N GLY A 131 -8.39 2.87 -13.61
CA GLY A 131 -7.98 2.31 -12.33
C GLY A 131 -7.99 0.79 -12.26
N ASP A 132 -8.66 0.13 -13.21
CA ASP A 132 -8.70 -1.33 -13.21
C ASP A 132 -7.35 -1.91 -13.64
N LYS A 133 -6.49 -1.06 -14.19
CA LYS A 133 -5.15 -1.47 -14.58
C LYS A 133 -4.26 -0.85 -13.51
N LEU A 134 -3.32 -1.62 -12.96
CA LEU A 134 -2.46 -1.10 -11.91
C LEU A 134 -1.79 0.21 -12.28
N GLN A 135 -2.05 1.25 -11.48
CA GLN A 135 -1.50 2.59 -11.71
C GLN A 135 -0.29 2.83 -10.81
N CYS A 136 0.68 3.58 -11.33
CA CYS A 136 1.90 3.89 -10.60
C CYS A 136 2.09 5.40 -10.48
N LEU A 137 2.81 5.81 -9.45
CA LEU A 137 3.08 7.23 -9.22
C LEU A 137 4.38 7.41 -8.44
N SER A 138 5.29 8.21 -8.99
CA SER A 138 6.56 8.50 -8.32
C SER A 138 6.23 9.66 -7.38
N LEU A 139 6.67 9.58 -6.14
CA LEU A 139 6.40 10.65 -5.18
C LEU A 139 7.47 10.71 -4.10
N PRO A 140 7.75 11.92 -3.58
CA PRO A 140 8.76 12.11 -2.54
C PRO A 140 8.19 12.05 -1.13
N ILE A 141 9.01 11.61 -0.18
CA ILE A 141 8.58 11.56 1.21
C ILE A 141 8.63 13.02 1.65
N LEU A 142 7.60 13.47 2.36
CA LEU A 142 7.52 14.85 2.83
C LEU A 142 7.91 14.95 4.30
N SER A 143 8.43 16.10 4.71
CA SER A 143 8.83 16.29 6.10
C SER A 143 7.66 16.25 7.05
N HIS A 144 7.93 15.92 8.30
CA HIS A 144 6.88 15.86 9.32
C HIS A 144 6.31 17.26 9.49
N ALA A 145 7.14 18.27 9.27
CA ALA A 145 6.73 19.66 9.40
C ALA A 145 5.56 19.95 8.46
N ASP A 146 5.71 19.55 7.20
CA ASP A 146 4.66 19.76 6.22
C ASP A 146 3.44 18.91 6.55
N CYS A 147 3.69 17.69 7.02
CA CYS A 147 2.60 16.78 7.36
C CYS A 147 1.75 17.40 8.47
N ALA A 148 2.41 17.88 9.53
CA ALA A 148 1.72 18.51 10.66
C ALA A 148 1.05 19.82 10.28
N ASN A 149 1.56 20.47 9.24
CA ASN A 149 0.99 21.72 8.75
C ASN A 149 -0.35 21.38 8.09
N SER A 150 -0.35 20.31 7.32
CA SER A 150 -1.53 19.86 6.60
C SER A 150 -2.60 19.18 7.47
N TYR A 151 -2.15 18.39 8.43
CA TYR A 151 -3.07 17.65 9.30
C TYR A 151 -2.76 17.89 10.78
N PRO A 152 -3.11 19.07 11.30
CA PRO A 152 -2.88 19.45 12.69
C PRO A 152 -3.45 18.48 13.73
N GLY A 153 -2.56 17.97 14.59
CA GLY A 153 -2.96 17.05 15.64
C GLY A 153 -3.39 15.66 15.21
N MET A 154 -3.06 15.28 13.99
CA MET A 154 -3.44 13.96 13.48
C MET A 154 -2.26 13.06 13.10
N ILE A 155 -1.06 13.63 12.99
CA ILE A 155 0.11 12.87 12.60
C ILE A 155 0.95 12.35 13.75
N THR A 156 1.06 11.02 13.85
CA THR A 156 1.84 10.38 14.89
C THR A 156 3.20 9.96 14.35
N GLN A 157 4.00 9.32 15.19
CA GLN A 157 5.33 8.87 14.78
C GLN A 157 5.28 7.64 13.87
N SER A 158 4.12 7.01 13.76
CA SER A 158 4.00 5.83 12.90
C SER A 158 3.43 6.22 11.54
N MET A 159 3.38 7.51 11.27
CA MET A 159 2.86 8.01 10.00
C MET A 159 3.86 8.93 9.32
N PHE A 160 3.69 9.10 8.02
CA PHE A 160 4.52 10.01 7.25
C PHE A 160 3.72 10.43 6.02
N CYS A 161 3.93 11.66 5.58
CA CYS A 161 3.25 12.18 4.41
C CYS A 161 4.17 12.03 3.22
N ALA A 162 3.57 11.83 2.05
CA ALA A 162 4.33 11.69 0.82
C ALA A 162 3.42 12.20 -0.28
N GLY A 163 4.02 12.82 -1.30
CA GLY A 163 3.20 13.32 -2.38
C GLY A 163 3.53 14.74 -2.79
N TYR A 164 2.51 15.44 -3.28
CA TYR A 164 2.68 16.79 -3.78
C TYR A 164 1.74 17.79 -3.10
N LEU A 165 2.35 18.74 -2.40
CA LEU A 165 1.57 19.77 -1.71
C LEU A 165 0.83 20.66 -2.69
N GLU A 166 1.32 20.71 -3.94
CA GLU A 166 0.67 21.52 -4.96
C GLU A 166 -0.53 20.78 -5.53
N GLY A 167 -0.73 19.55 -5.07
CA GLY A 167 -1.85 18.73 -5.53
C GLY A 167 -1.71 18.19 -6.94
N GLY A 168 -2.74 17.47 -7.39
CA GLY A 168 -2.73 16.92 -8.74
C GLY A 168 -2.27 15.47 -8.88
N LYS A 169 -1.46 15.01 -7.94
CA LYS A 169 -0.95 13.63 -7.95
C LYS A 169 -1.03 13.10 -6.53
N ASP A 170 -1.57 11.89 -6.38
CA ASP A 170 -1.73 11.34 -5.04
C ASP A 170 -2.36 9.96 -5.11
N SER A 171 -2.32 9.21 -4.01
CA SER A 171 -2.96 7.90 -3.98
C SER A 171 -4.40 8.25 -3.62
N CYS A 172 -5.31 7.27 -3.64
CA CYS A 172 -6.70 7.59 -3.35
C CYS A 172 -7.48 6.38 -2.83
N GLN A 173 -8.79 6.56 -2.62
CA GLN A 173 -9.62 5.46 -2.12
C GLN A 173 -9.46 4.25 -3.05
N GLY A 174 -9.23 3.08 -2.47
CA GLY A 174 -9.04 1.89 -3.29
C GLY A 174 -7.57 1.53 -3.34
N ASP A 175 -6.71 2.51 -3.08
CA ASP A 175 -5.27 2.27 -3.06
C ASP A 175 -4.86 1.86 -1.64
N SER A 176 -5.75 2.10 -0.68
CA SER A 176 -5.51 1.78 0.73
C SER A 176 -4.90 0.40 0.91
N GLY A 177 -3.93 0.30 1.82
CA GLY A 177 -3.28 -0.97 2.09
C GLY A 177 -2.14 -1.28 1.13
N GLY A 178 -2.10 -0.52 0.03
CA GLY A 178 -1.07 -0.70 -0.98
C GLY A 178 0.32 -0.28 -0.57
N PRO A 179 1.32 -0.52 -1.42
CA PRO A 179 2.72 -0.19 -1.17
C PRO A 179 3.27 1.15 -1.61
N VAL A 180 4.32 1.57 -0.90
CA VAL A 180 5.08 2.76 -1.21
C VAL A 180 6.49 2.19 -1.11
N VAL A 181 7.12 2.00 -2.25
CA VAL A 181 8.46 1.41 -2.30
C VAL A 181 9.51 2.48 -2.61
N CYS A 182 10.58 2.47 -1.85
CA CYS A 182 11.66 3.43 -2.04
C CYS A 182 12.98 2.67 -2.18
N ASN A 183 13.61 2.79 -3.34
CA ASN A 183 14.88 2.11 -3.57
C ASN A 183 14.73 0.61 -3.33
N GLY A 184 13.62 0.05 -3.80
CA GLY A 184 13.36 -1.37 -3.67
C GLY A 184 12.95 -1.88 -2.30
N VAL A 185 12.64 -0.96 -1.39
CA VAL A 185 12.25 -1.35 -0.04
C VAL A 185 10.88 -0.77 0.32
N LEU A 186 10.02 -1.60 0.92
CA LEU A 186 8.69 -1.14 1.31
C LEU A 186 8.79 -0.20 2.52
N GLN A 187 8.56 1.10 2.30
CA GLN A 187 8.64 2.06 3.40
C GLN A 187 7.27 2.52 3.88
N GLY A 188 6.24 2.34 3.06
CA GLY A 188 4.93 2.79 3.47
C GLY A 188 3.76 1.94 3.01
N VAL A 189 2.63 2.13 3.69
CA VAL A 189 1.38 1.46 3.37
C VAL A 189 0.37 2.59 3.20
N VAL A 190 -0.37 2.59 2.09
CA VAL A 190 -1.37 3.63 1.85
C VAL A 190 -2.37 3.62 3.01
N SER A 191 -2.43 4.72 3.76
CA SER A 191 -3.30 4.79 4.92
C SER A 191 -4.52 5.68 4.77
N TRP A 192 -4.32 6.99 4.76
CA TRP A 192 -5.43 7.91 4.64
C TRP A 192 -5.01 9.25 4.07
N GLY A 193 -5.97 10.17 4.01
CA GLY A 193 -5.71 11.50 3.50
C GLY A 193 -7.03 12.24 3.44
N TYR A 194 -6.96 13.56 3.25
CA TYR A 194 -8.18 14.36 3.14
C TYR A 194 -8.45 14.50 1.65
N GLY A 195 -9.48 13.82 1.17
CA GLY A 195 -9.79 13.87 -0.25
C GLY A 195 -8.66 13.20 -1.01
N CYS A 196 -8.54 13.50 -2.30
CA CYS A 196 -7.48 12.93 -3.12
C CYS A 196 -6.89 13.97 -4.04
N ALA A 197 -5.57 14.02 -4.10
CA ALA A 197 -4.85 14.96 -4.96
C ALA A 197 -5.15 16.43 -4.73
N GLU A 198 -5.62 16.79 -3.55
CA GLU A 198 -5.93 18.18 -3.27
C GLU A 198 -4.71 18.92 -2.73
N ARG A 199 -4.61 20.21 -3.07
CA ARG A 199 -3.49 21.02 -2.60
C ARG A 199 -3.43 20.98 -1.08
N ASP A 200 -2.22 20.89 -0.55
CA ASP A 200 -1.99 20.85 0.89
C ASP A 200 -2.68 19.70 1.63
N HIS A 201 -3.02 18.65 0.88
CA HIS A 201 -3.64 17.47 1.43
C HIS A 201 -2.91 16.25 0.88
N PRO A 202 -1.63 16.10 1.23
CA PRO A 202 -0.86 14.95 0.73
C PRO A 202 -1.30 13.65 1.39
N GLY A 203 -0.97 12.52 0.75
CA GLY A 203 -1.36 11.25 1.33
C GLY A 203 -0.59 10.95 2.60
N VAL A 204 -1.23 10.26 3.54
CA VAL A 204 -0.59 9.87 4.78
C VAL A 204 -0.40 8.36 4.71
N TYR A 205 0.79 7.89 5.08
CA TYR A 205 1.13 6.48 5.00
C TYR A 205 1.67 5.89 6.31
N ALA A 206 1.40 4.61 6.53
CA ALA A 206 1.91 3.95 7.73
C ALA A 206 3.43 3.88 7.53
N LYS A 207 4.20 4.25 8.56
CA LYS A 207 5.66 4.26 8.46
C LYS A 207 6.20 2.86 8.77
N VAL A 208 6.34 2.05 7.74
CA VAL A 208 6.81 0.67 7.90
C VAL A 208 8.13 0.51 8.63
N CYS A 209 9.08 1.41 8.40
CA CYS A 209 10.39 1.28 9.06
C CYS A 209 10.29 1.33 10.58
N VAL A 210 9.22 1.90 11.11
CA VAL A 210 9.04 1.96 12.56
C VAL A 210 8.18 0.79 13.01
N LEU A 211 7.47 0.18 12.06
CA LEU A 211 6.58 -0.94 12.36
C LEU A 211 7.10 -2.31 11.91
N SER A 212 8.27 -2.33 11.27
CA SER A 212 8.84 -3.56 10.75
C SER A 212 9.31 -4.55 11.82
N GLY A 213 9.58 -4.06 13.02
CA GLY A 213 9.99 -4.94 14.10
C GLY A 213 8.84 -5.89 14.39
N TRP A 214 7.64 -5.31 14.51
CA TRP A 214 6.45 -6.11 14.78
C TRP A 214 6.18 -7.08 13.64
N VAL A 215 6.31 -6.60 12.40
CA VAL A 215 6.07 -7.45 11.25
C VAL A 215 6.99 -8.68 11.26
N ARG A 216 8.28 -8.44 11.42
CA ARG A 216 9.26 -9.53 11.45
C ARG A 216 9.01 -10.53 12.58
N ASP A 217 8.65 -10.04 13.76
CA ASP A 217 8.39 -10.93 14.89
C ASP A 217 7.18 -11.82 14.61
N THR A 218 6.13 -11.23 14.05
CA THR A 218 4.92 -11.98 13.75
C THR A 218 5.13 -13.02 12.66
N MET A 219 5.96 -12.70 11.68
CA MET A 219 6.22 -13.63 10.58
C MET A 219 7.03 -14.85 11.05
N ALA A 220 7.84 -14.66 12.08
CA ALA A 220 8.66 -15.76 12.61
C ALA A 220 7.90 -16.57 13.65
CA CA B . -6.33 -10.04 -14.04
NA NA C . -6.64 -8.81 15.24
C1 BEN D . -5.81 8.92 0.26
C2 BEN D . -5.26 7.47 0.43
C3 BEN D . -6.29 6.42 0.92
C4 BEN D . -7.62 6.73 1.20
C5 BEN D . -8.13 8.15 1.02
C6 BEN D . -7.17 9.24 0.54
C BEN D . -4.90 10.00 -0.20
N1 BEN D . -3.65 9.73 -0.46
N2 BEN D . -5.36 11.29 -0.36
#